data_7KHH
#
_entry.id   7KHH
#
_cell.length_a   78.979
_cell.length_b   78.979
_cell.length_c   195.399
_cell.angle_alpha   90.000
_cell.angle_beta   90.000
_cell.angle_gamma   120.000
#
_symmetry.space_group_name_H-M   'P 31 2 1'
#
loop_
_entity.id
_entity.type
_entity.pdbx_description
1 polymer Elongin-B
2 polymer Elongin-C
3 polymer 'von Hippel-Lindau disease tumor suppressor'
4 polymer 'Bromodomain-containing protein 4'
5 non-polymer N-[11-({7-(3,5-difluoropyridin-2-yl)-2-methyl-10-[(methylsulfonyl)methyl]-3-oxo-3,4,6,7-tetrahydro-2H-2,4,7-triazadibenzo[cd,f]azulene-9-carbonyl}amino)undecanoyl]-3-methyl-L-valyl-(4R)-4-hydroxy-N-{[4-(4-methyl-1,3-thiazol-5-yl)phenyl]methyl}-L-prolinamide
6 water water
#
loop_
_entity_poly.entity_id
_entity_poly.type
_entity_poly.pdbx_seq_one_letter_code
_entity_poly.pdbx_strand_id
1 'polypeptide(L)'
;MDVFLMIRRHKTTIFTDAKESSTVFELKRIVEGILKRPPDEQRLYKDDQLLDDGKTLGECGFTSQTARPQAPATVGLAFR
ADDTFEAL(CSX)IEPFSSPPELPDVMKPQDSGSSANEQAVQ
;
A
2 'polypeptide(L)'
;MYVKLISSDGHEFIVKREHALTSGTIKAMLSGPGQFAENETNEVNFREIPSHVLSKVCMYFTYKVRYTNSSTEIPEFPIA
PEIALELLMAANFLDC
;
B
3 'polypeptide(L)'
;MHHHHHHGENLYFQGSEAGRPRPVLRSVNSREPSQVIFCNRSPRVVLPVWLNFDGEPQPYPTLPPGTGRRIHSYRGHLWL
FRDAGTHDGLLVNQTELFVPSLNVDGQPIFANITLPVYTLKERCLQVVRSLVKPENYRRLDIVRSLYEDLEDHPNVQKDL
ERLTQERIAHQRMGD
;
C
4 'polypeptide(L)'
;MHHHHHHSSGVDLGTENLYFQSNANPPPPETSNPNKPKRQTNQLQYLLRVVLKTLWKHQFAWPFQQPVDAVKLNLPDYYK
IIKTPMDMGTIKKRLENNYYWNAQECIQDFNTMFTNCYIYNKPGDDIVLMAEALEKLFLQKINELPTEE
;
D
#
loop_
_chem_comp.id
_chem_comp.type
_chem_comp.name
_chem_comp.formula
WEP non-polymer N-[11-({7-(3,5-difluoropyridin-2-yl)-2-methyl-10-[(methylsulfonyl)methyl]-3-oxo-3,4,6,7-tetrahydro-2H-2,4,7-triazadibenzo[cd,f]azulene-9-carbonyl}amino)undecanoyl]-3-methyl-L-valyl-(4R)-4-hydroxy-N-{[4-(4-methyl-1,3-thiazol-5-yl)phenyl]methyl}-L-prolinamide 'C56 H67 F2 N9 O8 S2'
#
# COMPACT_ATOMS: atom_id res chain seq x y z
N MET A 1 17.22 -7.83 21.40
CA MET A 1 16.47 -6.94 20.51
C MET A 1 17.44 -6.19 19.63
N ASP A 2 17.31 -6.34 18.31
CA ASP A 2 18.26 -5.76 17.38
C ASP A 2 18.08 -4.27 17.16
N VAL A 3 19.21 -3.58 17.08
CA VAL A 3 19.30 -2.17 16.82
C VAL A 3 20.12 -2.03 15.54
N PHE A 4 19.63 -1.22 14.60
CA PHE A 4 20.27 -1.02 13.31
C PHE A 4 20.93 0.31 13.32
N LEU A 5 22.22 0.32 13.00
CA LEU A 5 23.09 1.46 13.13
C LEU A 5 23.85 1.86 11.87
N MET A 6 24.31 3.12 11.87
CA MET A 6 25.19 3.70 10.89
C MET A 6 26.35 4.24 11.73
N ILE A 7 27.52 3.57 11.70
CA ILE A 7 28.69 4.09 12.40
C ILE A 7 29.39 5.01 11.39
N ARG A 8 29.44 6.32 11.68
CA ARG A 8 29.99 7.28 10.74
C ARG A 8 31.23 8.02 11.25
N ARG A 9 32.19 8.26 10.37
CA ARG A 9 33.39 9.03 10.60
C ARG A 9 33.76 9.60 9.25
N HIS A 10 33.94 10.95 9.14
CA HIS A 10 34.33 11.63 7.89
C HIS A 10 33.37 11.22 6.75
N LYS A 11 33.88 10.58 5.65
CA LYS A 11 33.06 10.07 4.55
C LYS A 11 32.95 8.52 4.57
N THR A 12 33.03 7.92 5.76
CA THR A 12 32.86 6.48 5.92
C THR A 12 31.58 6.23 6.69
N THR A 13 30.75 5.28 6.21
CA THR A 13 29.53 4.90 6.93
C THR A 13 29.45 3.41 6.97
N ILE A 14 29.44 2.83 8.16
CA ILE A 14 29.28 1.40 8.32
C ILE A 14 27.82 1.10 8.69
N PHE A 15 27.14 0.27 7.91
CA PHE A 15 25.81 -0.18 8.24
C PHE A 15 25.97 -1.51 8.98
N THR A 16 25.48 -1.58 10.23
CA THR A 16 25.59 -2.80 11.05
C THR A 16 24.46 -2.89 12.06
N ASP A 17 24.06 -4.10 12.39
CA ASP A 17 23.09 -4.34 13.42
C ASP A 17 23.80 -4.92 14.63
N ALA A 18 23.16 -4.79 15.81
CA ALA A 18 23.69 -5.24 17.10
C ALA A 18 22.53 -5.40 18.10
N LYS A 19 22.72 -6.12 19.20
CA LYS A 19 21.67 -6.29 20.20
C LYS A 19 21.67 -5.07 21.15
N GLU A 20 20.54 -4.83 21.85
CA GLU A 20 20.50 -3.78 22.88
C GLU A 20 21.39 -4.16 24.07
N SER A 21 21.53 -5.46 24.33
CA SER A 21 22.38 -5.96 25.41
C SER A 21 23.86 -5.98 25.04
N SER A 22 24.21 -5.84 23.74
CA SER A 22 25.61 -5.82 23.33
C SER A 22 26.29 -4.52 23.82
N THR A 23 27.60 -4.56 24.07
CA THR A 23 28.32 -3.41 24.62
C THR A 23 28.93 -2.48 23.54
N VAL A 24 29.31 -1.27 23.96
CA VAL A 24 29.99 -0.29 23.10
C VAL A 24 31.35 -0.89 22.65
N PHE A 25 32.00 -1.69 23.51
CA PHE A 25 33.26 -2.31 23.19
C PHE A 25 33.07 -3.30 22.06
N GLU A 26 32.00 -4.12 22.12
CA GLU A 26 31.69 -5.09 21.07
C GLU A 26 31.51 -4.41 19.70
N LEU A 27 31.00 -3.18 19.68
CA LEU A 27 30.81 -2.37 18.49
C LEU A 27 32.17 -1.88 17.98
N LYS A 28 33.08 -1.52 18.89
CA LYS A 28 34.43 -1.12 18.53
C LYS A 28 35.17 -2.29 17.88
N ARG A 29 34.89 -3.52 18.34
CA ARG A 29 35.49 -4.70 17.75
C ARG A 29 35.01 -4.89 16.31
N ILE A 30 33.71 -4.57 16.02
CA ILE A 30 33.18 -4.63 14.65
C ILE A 30 33.97 -3.64 13.76
N VAL A 31 34.14 -2.39 14.24
CA VAL A 31 34.88 -1.33 13.57
C VAL A 31 36.32 -1.73 13.30
N GLU A 32 37.01 -2.35 14.28
CA GLU A 32 38.40 -2.81 14.09
C GLU A 32 38.50 -3.88 12.97
N GLY A 33 37.49 -4.73 12.85
CA GLY A 33 37.47 -5.76 11.82
C GLY A 33 37.36 -5.16 10.43
N ILE A 34 36.63 -4.06 10.29
CA ILE A 34 36.46 -3.41 8.99
C ILE A 34 37.53 -2.36 8.67
N LEU A 35 37.76 -1.40 9.59
CA LEU A 35 38.62 -0.25 9.38
C LEU A 35 40.03 -0.36 9.95
N LYS A 36 40.38 -1.55 10.51
CA LYS A 36 41.70 -1.92 10.95
C LYS A 36 42.38 -0.94 11.93
N ARG A 37 41.64 -0.49 12.91
CA ARG A 37 42.15 0.36 14.00
C ARG A 37 41.66 -0.28 15.31
N PRO A 38 42.54 -0.44 16.31
CA PRO A 38 42.13 -1.15 17.54
C PRO A 38 41.12 -0.39 18.41
N PRO A 39 40.36 -1.08 19.28
CA PRO A 39 39.35 -0.38 20.09
C PRO A 39 39.87 0.80 20.91
N ASP A 40 41.06 0.69 21.50
CA ASP A 40 41.66 1.79 22.27
C ASP A 40 41.97 3.04 21.39
N GLU A 41 42.09 2.85 20.06
CA GLU A 41 42.29 3.95 19.12
C GLU A 41 40.96 4.51 18.54
N GLN A 42 39.81 4.10 19.12
CA GLN A 42 38.47 4.54 18.72
C GLN A 42 37.75 5.26 19.87
N ARG A 43 36.82 6.16 19.51
CA ARG A 43 35.92 6.82 20.44
C ARG A 43 34.55 6.79 19.79
N LEU A 44 33.55 6.16 20.44
CA LEU A 44 32.19 6.08 19.91
C LEU A 44 31.28 7.11 20.55
N TYR A 45 30.34 7.67 19.78
CA TYR A 45 29.51 8.78 20.24
C TYR A 45 28.03 8.65 19.89
N LYS A 46 27.16 9.14 20.79
CA LYS A 46 25.73 9.28 20.52
C LYS A 46 25.53 10.77 20.61
N ASP A 47 25.36 11.41 19.45
CA ASP A 47 25.34 12.86 19.34
C ASP A 47 26.76 13.38 19.77
N ASP A 48 26.87 14.34 20.71
CA ASP A 48 28.19 14.76 21.16
C ASP A 48 28.63 14.01 22.46
N GLN A 49 27.90 12.95 22.85
CA GLN A 49 28.19 12.19 24.05
C GLN A 49 29.08 10.97 23.83
N LEU A 50 30.23 10.95 24.48
CA LEU A 50 31.18 9.86 24.41
C LEU A 50 30.63 8.66 25.17
N LEU A 51 30.60 7.50 24.53
CA LEU A 51 30.05 6.31 25.13
C LEU A 51 31.14 5.48 25.82
N ASP A 52 30.83 4.92 27.00
CA ASP A 52 31.75 4.07 27.75
C ASP A 52 31.78 2.66 27.16
N ASP A 53 32.94 2.05 27.04
CA ASP A 53 33.08 0.72 26.45
C ASP A 53 32.24 -0.38 27.10
N GLY A 54 32.13 -0.36 28.43
CA GLY A 54 31.39 -1.37 29.17
C GLY A 54 29.88 -1.21 29.22
N LYS A 55 29.37 -0.13 28.62
CA LYS A 55 27.94 0.12 28.60
C LYS A 55 27.28 -0.64 27.47
N THR A 56 26.09 -1.16 27.71
CA THR A 56 25.33 -1.82 26.66
C THR A 56 24.69 -0.71 25.80
N LEU A 57 24.47 -0.95 24.50
CA LEU A 57 23.85 0.02 23.61
C LEU A 57 22.51 0.57 24.12
N GLY A 58 21.74 -0.30 24.77
CA GLY A 58 20.48 0.05 25.38
C GLY A 58 20.65 1.06 26.50
N GLU A 59 21.70 0.88 27.33
CA GLU A 59 22.04 1.81 28.41
C GLU A 59 22.48 3.18 27.84
N CYS A 60 22.99 3.21 26.62
CA CYS A 60 23.41 4.42 25.93
C CYS A 60 22.27 5.18 25.29
N GLY A 61 21.05 4.65 25.33
CA GLY A 61 19.88 5.26 24.72
C GLY A 61 19.54 4.72 23.35
N PHE A 62 20.25 3.69 22.86
CA PHE A 62 19.94 3.13 21.54
C PHE A 62 18.86 2.09 21.68
N THR A 63 17.61 2.40 21.29
CA THR A 63 16.52 1.43 21.43
C THR A 63 16.11 0.83 20.07
N SER A 64 15.41 -0.32 20.10
CA SER A 64 14.89 -0.98 18.91
C SER A 64 13.88 -0.11 18.18
N GLN A 65 12.97 0.57 18.89
CA GLN A 65 11.99 1.44 18.25
C GLN A 65 12.58 2.68 17.59
N THR A 66 13.82 3.05 17.93
CA THR A 66 14.46 4.23 17.39
C THR A 66 15.71 3.94 16.51
N ALA A 67 16.05 2.66 16.31
CA ALA A 67 17.20 2.25 15.50
C ALA A 67 16.70 1.11 14.64
N ARG A 68 15.92 1.49 13.64
CA ARG A 68 15.27 0.55 12.74
C ARG A 68 16.08 0.26 11.49
N PRO A 69 15.84 -0.87 10.79
CA PRO A 69 16.57 -1.12 9.53
C PRO A 69 16.43 0.02 8.51
N GLN A 70 15.19 0.47 8.26
CA GLN A 70 14.83 1.58 7.36
C GLN A 70 15.18 2.99 7.87
N ALA A 71 15.47 3.15 9.17
CA ALA A 71 15.88 4.45 9.74
C ALA A 71 16.89 4.18 10.86
N PRO A 72 18.13 3.83 10.50
CA PRO A 72 19.12 3.47 11.51
C PRO A 72 19.62 4.64 12.37
N ALA A 73 20.01 4.32 13.60
CA ALA A 73 20.54 5.33 14.52
C ALA A 73 22.03 5.58 14.15
N THR A 74 22.53 6.80 14.36
CA THR A 74 23.92 7.14 14.03
C THR A 74 24.80 7.06 15.25
N VAL A 75 25.92 6.36 15.11
CA VAL A 75 26.95 6.29 16.13
C VAL A 75 28.15 7.01 15.50
N GLY A 76 28.56 8.10 16.10
CA GLY A 76 29.74 8.84 15.65
C GLY A 76 31.01 8.09 16.02
N LEU A 77 32.03 8.16 15.15
CA LEU A 77 33.32 7.51 15.35
C LEU A 77 34.43 8.56 15.20
N ALA A 78 35.37 8.57 16.15
CA ALA A 78 36.56 9.41 16.10
C ALA A 78 37.77 8.51 16.34
N PHE A 79 38.76 8.57 15.42
CA PHE A 79 40.00 7.81 15.50
C PHE A 79 41.09 8.58 16.24
N ARG A 80 42.08 7.86 16.73
CA ARG A 80 43.24 8.48 17.37
C ARG A 80 44.06 9.20 16.29
N ALA A 81 44.60 10.36 16.60
CA ALA A 81 45.42 11.17 15.72
C ALA A 81 46.64 11.53 16.55
N ASP A 82 47.69 10.70 16.48
CA ASP A 82 48.92 10.87 17.24
C ASP A 82 48.63 10.88 18.78
N ASP A 83 49.10 11.87 19.55
CA ASP A 83 48.89 11.91 21.00
C ASP A 83 47.54 12.51 21.44
N THR A 84 46.61 12.63 20.52
CA THR A 84 45.27 13.14 20.81
C THR A 84 44.23 12.53 19.88
N PHE A 85 42.97 12.47 20.31
CA PHE A 85 41.91 12.00 19.43
C PHE A 85 41.49 13.13 18.48
N GLU A 86 41.25 12.81 17.21
CA GLU A 86 40.78 13.82 16.26
C GLU A 86 39.37 14.34 16.70
N ALA A 87 39.00 15.56 16.28
CA ALA A 87 37.65 16.07 16.60
C ALA A 87 36.64 15.26 15.85
N LEU A 88 35.52 14.88 16.51
CA LEU A 88 34.45 14.13 15.86
C LEU A 88 33.93 14.92 14.63
N CSX A 89 34.00 14.31 13.48
CA CSX A 89 33.59 15.00 12.28
CB CSX A 89 34.82 15.63 11.64
SG CSX A 89 34.33 16.43 10.09
C CSX A 89 32.97 14.01 11.35
O CSX A 89 33.63 13.08 10.89
OD CSX A 89 35.03 15.88 8.92
N ILE A 90 31.71 14.21 11.07
CA ILE A 90 30.96 13.39 10.15
C ILE A 90 30.61 14.29 9.00
N GLU A 91 31.08 13.94 7.81
CA GLU A 91 30.77 14.72 6.63
C GLU A 91 29.36 14.41 6.22
N PRO A 92 28.54 15.43 6.02
CA PRO A 92 27.17 15.17 5.55
C PRO A 92 27.11 14.70 4.10
N PHE A 93 26.06 13.95 3.80
CA PHE A 93 25.80 13.47 2.47
C PHE A 93 25.44 14.63 1.54
N SER A 94 25.39 14.37 0.24
CA SER A 94 24.99 15.35 -0.76
C SER A 94 23.55 15.82 -0.51
N SER A 95 23.18 16.96 -1.08
CA SER A 95 21.84 17.53 -0.94
C SER A 95 21.01 17.22 -2.17
N PRO A 96 19.74 16.82 -2.00
CA PRO A 96 18.87 16.64 -3.18
C PRO A 96 18.61 17.98 -3.87
N PRO A 97 18.15 17.97 -5.12
CA PRO A 97 17.82 19.24 -5.79
C PRO A 97 16.55 19.87 -5.20
N GLU A 98 16.21 21.09 -5.63
CA GLU A 98 14.98 21.75 -5.18
C GLU A 98 13.78 20.90 -5.64
N LEU A 99 12.83 20.62 -4.73
CA LEU A 99 11.66 19.80 -5.04
C LEU A 99 10.88 20.35 -6.25
N PRO A 100 10.71 19.51 -7.29
CA PRO A 100 9.95 19.97 -8.48
C PRO A 100 8.54 20.43 -8.14
N ASP A 101 8.01 21.40 -8.88
CA ASP A 101 6.70 21.95 -8.59
C ASP A 101 5.57 20.95 -8.80
N VAL A 102 5.75 19.95 -9.68
CA VAL A 102 4.71 18.93 -9.86
C VAL A 102 4.65 17.92 -8.68
N MET A 103 5.51 18.09 -7.65
CA MET A 103 5.55 17.24 -6.46
C MET A 103 5.16 18.00 -5.18
N LYS A 104 4.68 19.26 -5.30
CA LYS A 104 4.31 20.09 -4.17
C LYS A 104 2.83 20.04 -3.84
N PRO A 105 2.50 19.88 -2.55
CA PRO A 105 1.08 19.84 -2.17
C PRO A 105 0.35 21.15 -2.39
N MET B 1 32.89 -10.67 4.40
CA MET B 1 31.67 -10.33 5.08
C MET B 1 31.09 -9.03 4.53
N TYR B 2 31.90 -7.97 4.43
CA TYR B 2 31.41 -6.68 3.97
C TYR B 2 31.90 -6.28 2.56
N VAL B 3 31.18 -5.33 1.92
CA VAL B 3 31.54 -4.69 0.64
C VAL B 3 31.52 -3.18 0.84
N LYS B 4 32.33 -2.47 0.06
CA LYS B 4 32.35 -1.03 0.10
C LYS B 4 31.65 -0.54 -1.17
N LEU B 5 30.65 0.30 -1.03
CA LEU B 5 29.92 0.91 -2.14
C LEU B 5 30.26 2.39 -2.06
N ILE B 6 30.94 2.93 -3.08
CA ILE B 6 31.36 4.32 -3.06
C ILE B 6 30.45 5.13 -3.96
N SER B 7 29.84 6.20 -3.41
CA SER B 7 28.95 7.11 -4.16
C SER B 7 29.73 7.99 -5.13
N SER B 8 29.03 8.69 -6.04
CA SER B 8 29.67 9.57 -7.00
C SER B 8 30.50 10.68 -6.31
N ASP B 9 30.10 11.10 -5.09
CA ASP B 9 30.79 12.19 -4.40
C ASP B 9 31.86 11.72 -3.42
N GLY B 10 32.15 10.42 -3.39
CA GLY B 10 33.26 9.92 -2.60
C GLY B 10 32.94 9.36 -1.23
N HIS B 11 31.66 9.36 -0.84
CA HIS B 11 31.27 8.76 0.44
C HIS B 11 31.39 7.23 0.29
N GLU B 12 31.88 6.55 1.32
CA GLU B 12 32.02 5.09 1.32
C GLU B 12 30.94 4.52 2.19
N PHE B 13 30.32 3.45 1.72
CA PHE B 13 29.25 2.80 2.46
C PHE B 13 29.65 1.33 2.59
N ILE B 14 29.87 0.88 3.82
CA ILE B 14 30.29 -0.49 4.07
C ILE B 14 29.11 -1.26 4.62
N VAL B 15 28.65 -2.20 3.81
CA VAL B 15 27.47 -3.00 4.12
C VAL B 15 27.82 -4.49 4.01
N LYS B 16 27.02 -5.38 4.62
CA LYS B 16 27.24 -6.84 4.45
C LYS B 16 27.05 -7.19 2.98
N ARG B 17 27.92 -8.02 2.42
CA ARG B 17 27.83 -8.44 1.01
C ARG B 17 26.46 -9.06 0.71
N GLU B 18 25.94 -9.84 1.66
CA GLU B 18 24.64 -10.48 1.54
C GLU B 18 23.53 -9.44 1.32
N HIS B 19 23.64 -8.29 2.00
CA HIS B 19 22.66 -7.20 1.91
C HIS B 19 22.78 -6.49 0.58
N ALA B 20 24.00 -6.20 0.13
CA ALA B 20 24.23 -5.54 -1.15
C ALA B 20 23.81 -6.43 -2.32
N LEU B 21 23.78 -7.78 -2.13
CA LEU B 21 23.30 -8.72 -3.17
C LEU B 21 21.74 -8.61 -3.40
N THR B 22 21.05 -7.76 -2.60
CA THR B 22 19.64 -7.41 -2.78
C THR B 22 19.50 -6.72 -4.15
N SER B 23 20.53 -5.96 -4.58
CA SER B 23 20.60 -5.36 -5.89
C SER B 23 21.00 -6.43 -6.92
N GLY B 24 20.17 -6.62 -7.95
CA GLY B 24 20.50 -7.56 -9.02
C GLY B 24 21.73 -7.12 -9.80
N THR B 25 21.94 -5.80 -9.92
CA THR B 25 23.09 -5.24 -10.62
C THR B 25 24.34 -5.49 -9.80
N ILE B 26 24.33 -5.19 -8.48
CA ILE B 26 25.50 -5.43 -7.66
C ILE B 26 25.81 -6.93 -7.60
N LYS B 27 24.77 -7.77 -7.49
CA LYS B 27 24.94 -9.22 -7.47
C LYS B 27 25.64 -9.72 -8.72
N ALA B 28 25.27 -9.18 -9.91
CA ALA B 28 25.92 -9.55 -11.17
C ALA B 28 27.35 -9.01 -11.22
N MET B 29 27.58 -7.77 -10.77
CA MET B 29 28.92 -7.18 -10.78
C MET B 29 29.88 -8.01 -9.91
N LEU B 30 29.42 -8.50 -8.76
CA LEU B 30 30.25 -9.31 -7.88
C LEU B 30 30.33 -10.79 -8.27
N SER B 31 29.50 -11.25 -9.21
CA SER B 31 29.43 -12.63 -9.65
C SER B 31 30.62 -13.06 -10.52
N GLY B 32 30.76 -14.36 -10.71
CA GLY B 32 31.80 -14.90 -11.57
C GLY B 32 33.09 -15.30 -10.88
N PRO B 33 33.77 -16.31 -11.44
CA PRO B 33 35.05 -16.75 -10.85
C PRO B 33 36.12 -15.65 -10.84
N GLU B 40 38.21 -12.10 -4.57
CA GLU B 40 36.97 -11.56 -5.13
C GLU B 40 36.92 -9.99 -5.07
N THR B 41 35.91 -9.37 -5.72
CA THR B 41 35.79 -7.91 -5.73
C THR B 41 35.09 -7.45 -4.46
N ASN B 42 35.78 -6.71 -3.57
CA ASN B 42 35.13 -6.23 -2.32
C ASN B 42 34.76 -4.73 -2.35
N GLU B 43 34.78 -4.11 -3.53
CA GLU B 43 34.53 -2.69 -3.65
C GLU B 43 33.83 -2.34 -4.98
N VAL B 44 32.80 -1.49 -4.94
CA VAL B 44 32.02 -1.07 -6.10
C VAL B 44 31.82 0.45 -6.12
N ASN B 45 32.21 1.14 -7.21
CA ASN B 45 32.00 2.59 -7.35
C ASN B 45 30.76 2.87 -8.17
N PHE B 46 30.05 3.92 -7.81
CA PHE B 46 28.85 4.33 -8.53
C PHE B 46 28.99 5.80 -8.88
N ARG B 47 29.50 6.09 -10.06
CA ARG B 47 29.73 7.45 -10.57
C ARG B 47 28.48 8.29 -10.77
N GLU B 48 27.32 7.63 -10.85
CA GLU B 48 26.07 8.31 -11.11
C GLU B 48 25.11 8.33 -9.93
N ILE B 49 25.45 7.66 -8.80
CA ILE B 49 24.59 7.67 -7.61
C ILE B 49 25.22 8.50 -6.47
N PRO B 50 24.62 9.67 -6.14
CA PRO B 50 25.17 10.51 -5.05
C PRO B 50 24.92 9.93 -3.65
N SER B 51 25.65 10.41 -2.62
CA SER B 51 25.57 9.87 -1.27
C SER B 51 24.21 9.97 -0.58
N HIS B 52 23.43 11.05 -0.79
CA HIS B 52 22.08 11.13 -0.20
C HIS B 52 21.19 10.00 -0.74
N VAL B 53 21.41 9.57 -1.99
CA VAL B 53 20.66 8.48 -2.57
C VAL B 53 21.26 7.09 -2.17
N LEU B 54 22.58 6.93 -2.22
CA LEU B 54 23.23 5.66 -1.89
C LEU B 54 23.03 5.26 -0.41
N SER B 55 22.99 6.24 0.52
CA SER B 55 22.76 5.91 1.93
C SER B 55 21.37 5.34 2.11
N LYS B 56 20.39 5.88 1.36
CA LYS B 56 19.01 5.42 1.35
C LYS B 56 18.87 4.03 0.72
N VAL B 57 19.60 3.75 -0.37
CA VAL B 57 19.59 2.42 -0.98
C VAL B 57 20.12 1.38 0.06
N CYS B 58 21.23 1.71 0.76
CA CYS B 58 21.79 0.85 1.81
C CYS B 58 20.76 0.59 2.92
N MET B 59 19.98 1.59 3.30
CA MET B 59 18.92 1.42 4.30
C MET B 59 17.88 0.43 3.78
N TYR B 60 17.55 0.51 2.49
CA TYR B 60 16.59 -0.42 1.88
C TYR B 60 17.15 -1.86 1.88
N PHE B 61 18.45 -2.04 1.74
CA PHE B 61 19.07 -3.37 1.77
C PHE B 61 18.85 -4.03 3.12
N THR B 62 19.03 -3.24 4.20
CA THR B 62 18.87 -3.71 5.57
C THR B 62 17.42 -4.12 5.82
N TYR B 63 16.49 -3.27 5.37
CA TYR B 63 15.05 -3.44 5.46
C TYR B 63 14.62 -4.71 4.70
N LYS B 64 15.04 -4.86 3.44
CA LYS B 64 14.75 -6.04 2.62
C LYS B 64 15.24 -7.33 3.31
N VAL B 65 16.48 -7.35 3.83
CA VAL B 65 16.99 -8.57 4.46
C VAL B 65 16.28 -8.88 5.79
N ARG B 66 15.92 -7.84 6.53
CA ARG B 66 15.28 -8.00 7.83
C ARG B 66 13.85 -8.50 7.69
N TYR B 67 13.09 -7.87 6.80
CA TYR B 67 11.68 -8.14 6.67
C TYR B 67 11.30 -9.20 5.63
N THR B 68 12.18 -9.57 4.69
CA THR B 68 11.85 -10.65 3.74
C THR B 68 11.69 -11.98 4.52
N ASN B 69 10.60 -12.72 4.29
CA ASN B 69 10.28 -14.01 4.94
C ASN B 69 10.00 -13.94 6.44
N SER B 70 9.75 -12.73 6.99
CA SER B 70 9.51 -12.61 8.43
C SER B 70 8.03 -12.73 8.75
N SER B 71 7.69 -13.49 9.79
CA SER B 71 6.29 -13.64 10.19
C SER B 71 5.78 -12.48 11.12
N THR B 72 6.63 -11.46 11.35
CA THR B 72 6.36 -10.23 12.13
C THR B 72 5.87 -9.16 11.10
N GLU B 73 4.79 -8.38 11.42
CA GLU B 73 4.27 -7.37 10.48
C GLU B 73 5.35 -6.39 10.02
N ILE B 74 5.27 -6.02 8.76
CA ILE B 74 6.26 -5.20 8.09
C ILE B 74 5.91 -3.74 8.22
N PRO B 75 6.88 -2.89 8.60
CA PRO B 75 6.65 -1.44 8.56
C PRO B 75 6.84 -0.89 7.13
N GLU B 76 6.41 0.34 6.90
CA GLU B 76 6.58 0.98 5.59
C GLU B 76 8.04 1.46 5.40
N PHE B 77 8.59 1.26 4.20
CA PHE B 77 9.91 1.81 3.90
C PHE B 77 9.65 3.29 3.56
N PRO B 78 10.17 4.26 4.34
CA PRO B 78 9.84 5.67 4.06
C PRO B 78 10.73 6.31 3.01
N ILE B 79 10.16 7.18 2.14
CA ILE B 79 10.91 7.92 1.13
C ILE B 79 10.43 9.36 1.13
N ALA B 80 11.30 10.32 1.43
CA ALA B 80 10.93 11.75 1.42
C ALA B 80 10.67 12.23 -0.02
N PRO B 81 9.79 13.23 -0.24
CA PRO B 81 9.53 13.68 -1.61
C PRO B 81 10.79 14.21 -2.32
N GLU B 82 11.68 14.83 -1.54
CA GLU B 82 12.91 15.42 -2.04
C GLU B 82 13.86 14.42 -2.71
N ILE B 83 13.93 13.17 -2.20
CA ILE B 83 14.82 12.17 -2.77
C ILE B 83 14.15 11.21 -3.73
N ALA B 84 12.80 11.19 -3.80
CA ALA B 84 12.00 10.23 -4.57
C ALA B 84 12.43 9.99 -6.05
N LEU B 85 12.62 11.05 -6.86
CA LEU B 85 13.00 10.85 -8.26
C LEU B 85 14.38 10.25 -8.47
N GLU B 86 15.36 10.74 -7.71
CA GLU B 86 16.71 10.22 -7.79
C GLU B 86 16.77 8.81 -7.22
N LEU B 87 15.99 8.54 -6.16
CA LEU B 87 15.95 7.20 -5.58
C LEU B 87 15.33 6.22 -6.59
N LEU B 88 14.27 6.64 -7.29
CA LEU B 88 13.59 5.85 -8.32
C LEU B 88 14.58 5.49 -9.46
N MET B 89 15.39 6.46 -9.88
CA MET B 89 16.39 6.23 -10.90
C MET B 89 17.46 5.28 -10.45
N ALA B 90 17.84 5.33 -9.17
CA ALA B 90 18.85 4.42 -8.64
C ALA B 90 18.30 3.00 -8.49
N ALA B 91 17.08 2.85 -7.97
CA ALA B 91 16.43 1.55 -7.83
C ALA B 91 16.27 0.85 -9.21
N ASN B 92 15.97 1.64 -10.24
CA ASN B 92 15.79 1.15 -11.59
C ASN B 92 17.11 0.63 -12.14
N PHE B 93 18.23 1.34 -11.88
CA PHE B 93 19.55 0.92 -12.34
C PHE B 93 20.09 -0.30 -11.54
N LEU B 94 19.94 -0.25 -10.21
CA LEU B 94 20.40 -1.29 -9.30
C LEU B 94 19.56 -2.57 -9.37
N ASP B 95 18.33 -2.50 -9.93
CA ASP B 95 17.42 -3.63 -10.02
C ASP B 95 17.10 -4.23 -8.64
N CYS B 96 16.64 -3.39 -7.73
CA CYS B 96 16.24 -3.84 -6.40
C CYS B 96 14.87 -3.23 -5.99
N PRO C 23 -13.94 -19.41 -14.88
CA PRO C 23 -12.65 -18.82 -14.47
C PRO C 23 -12.01 -19.58 -13.32
N VAL C 24 -10.68 -19.73 -13.38
CA VAL C 24 -9.90 -20.45 -12.37
C VAL C 24 -9.95 -19.72 -11.05
N LEU C 25 -9.83 -18.39 -11.07
CA LEU C 25 -9.89 -17.62 -9.83
C LEU C 25 -11.29 -17.09 -9.58
N ARG C 26 -12.04 -17.79 -8.75
CA ARG C 26 -13.41 -17.42 -8.41
C ARG C 26 -13.85 -18.09 -7.09
N SER C 27 -14.94 -17.60 -6.50
CA SER C 27 -15.48 -18.21 -5.29
C SER C 27 -16.31 -19.42 -5.68
N VAL C 28 -16.38 -20.40 -4.79
CA VAL C 28 -17.25 -21.55 -4.99
C VAL C 28 -18.55 -21.25 -4.24
N ASN C 29 -19.72 -21.40 -4.90
CA ASN C 29 -21.02 -21.16 -4.27
C ASN C 29 -21.34 -22.32 -3.33
N SER C 30 -20.73 -22.33 -2.13
CA SER C 30 -20.92 -23.44 -1.21
C SER C 30 -22.10 -23.28 -0.27
N ARG C 31 -22.42 -22.03 0.13
CA ARG C 31 -23.48 -21.75 1.10
C ARG C 31 -23.23 -22.42 2.46
N GLU C 32 -21.96 -22.72 2.76
CA GLU C 32 -21.45 -23.31 4.00
C GLU C 32 -20.80 -22.16 4.72
N PRO C 33 -21.49 -21.58 5.73
CA PRO C 33 -20.93 -20.41 6.44
C PRO C 33 -19.56 -20.60 7.07
N SER C 34 -18.73 -19.57 7.06
CA SER C 34 -17.38 -19.57 7.61
C SER C 34 -17.01 -18.19 8.15
N GLN C 35 -16.90 -18.08 9.47
CA GLN C 35 -16.54 -16.82 10.13
C GLN C 35 -15.07 -16.50 9.90
N VAL C 36 -14.79 -15.27 9.47
CA VAL C 36 -13.43 -14.85 9.19
C VAL C 36 -13.08 -13.58 9.97
N ILE C 37 -11.81 -13.42 10.37
CA ILE C 37 -11.35 -12.21 11.01
C ILE C 37 -10.43 -11.47 10.06
N PHE C 38 -10.91 -10.39 9.40
CA PHE C 38 -10.03 -9.57 8.56
C PHE C 38 -9.27 -8.67 9.54
N CYS C 39 -7.93 -8.68 9.50
CA CYS C 39 -7.14 -7.87 10.39
C CYS C 39 -6.10 -7.07 9.63
N ASN C 40 -6.29 -5.75 9.61
CA ASN C 40 -5.37 -4.87 8.92
C ASN C 40 -4.10 -4.50 9.76
N ARG C 41 -3.02 -5.26 9.58
CA ARG C 41 -1.74 -5.00 10.24
C ARG C 41 -0.76 -4.34 9.26
N SER C 42 -1.27 -3.39 8.46
CA SER C 42 -0.50 -2.60 7.51
C SER C 42 -0.74 -1.11 7.83
N PRO C 43 0.14 -0.18 7.39
CA PRO C 43 -0.14 1.25 7.62
C PRO C 43 -1.11 1.86 6.59
N ARG C 44 -1.67 1.01 5.72
CA ARG C 44 -2.59 1.41 4.68
C ARG C 44 -4.04 1.18 5.08
N VAL C 45 -4.98 1.83 4.34
CA VAL C 45 -6.40 1.58 4.44
C VAL C 45 -6.63 0.35 3.53
N VAL C 46 -7.25 -0.72 4.05
CA VAL C 46 -7.42 -1.93 3.25
C VAL C 46 -8.79 -2.03 2.56
N LEU C 47 -8.76 -2.32 1.27
CA LEU C 47 -9.95 -2.64 0.53
C LEU C 47 -10.00 -4.17 0.42
N PRO C 48 -10.87 -4.85 1.20
CA PRO C 48 -11.02 -6.30 1.01
C PRO C 48 -11.78 -6.51 -0.29
N VAL C 49 -11.30 -7.37 -1.19
CA VAL C 49 -11.95 -7.59 -2.47
C VAL C 49 -12.37 -9.04 -2.55
N TRP C 50 -13.67 -9.27 -2.74
CA TRP C 50 -14.20 -10.61 -2.84
C TRP C 50 -14.31 -10.95 -4.31
N LEU C 51 -13.79 -12.10 -4.72
CA LEU C 51 -13.90 -12.54 -6.10
C LEU C 51 -15.22 -13.31 -6.17
N ASN C 52 -16.20 -12.83 -6.95
CA ASN C 52 -17.50 -13.50 -7.00
C ASN C 52 -17.43 -14.86 -7.78
N PHE C 53 -18.59 -15.54 -7.93
CA PHE C 53 -18.77 -16.82 -8.61
C PHE C 53 -18.40 -16.76 -10.12
N ASP C 54 -18.31 -15.56 -10.67
CA ASP C 54 -17.88 -15.35 -12.06
C ASP C 54 -16.44 -14.82 -12.20
N GLY C 55 -15.68 -14.80 -11.10
CA GLY C 55 -14.33 -14.30 -11.06
C GLY C 55 -14.18 -12.79 -10.96
N GLU C 56 -15.30 -12.07 -10.87
CA GLU C 56 -15.30 -10.61 -10.82
C GLU C 56 -14.95 -10.04 -9.44
N PRO C 57 -14.08 -9.02 -9.38
CA PRO C 57 -13.74 -8.42 -8.09
C PRO C 57 -14.86 -7.51 -7.55
N GLN C 58 -15.29 -7.79 -6.32
CA GLN C 58 -16.40 -7.11 -5.67
C GLN C 58 -15.90 -6.55 -4.37
N PRO C 59 -15.42 -5.31 -4.36
CA PRO C 59 -14.85 -4.74 -3.12
C PRO C 59 -15.83 -4.62 -1.95
N TYR C 60 -15.33 -4.86 -0.73
CA TYR C 60 -16.09 -4.78 0.52
C TYR C 60 -15.66 -3.56 1.36
N PRO C 61 -16.45 -3.13 2.38
CA PRO C 61 -16.03 -1.97 3.19
C PRO C 61 -14.58 -2.00 3.69
N THR C 62 -13.93 -0.84 3.65
CA THR C 62 -12.52 -0.71 4.02
C THR C 62 -12.26 -0.90 5.51
N LEU C 63 -10.97 -1.17 5.86
CA LEU C 63 -10.48 -1.29 7.23
C LEU C 63 -9.39 -0.27 7.44
N PRO C 64 -9.58 0.66 8.39
CA PRO C 64 -8.49 1.60 8.69
C PRO C 64 -7.25 0.88 9.26
N PRO C 65 -6.03 1.44 9.08
CA PRO C 65 -4.83 0.77 9.62
C PRO C 65 -4.94 0.40 11.09
N GLY C 66 -4.50 -0.80 11.42
CA GLY C 66 -4.52 -1.28 12.79
C GLY C 66 -5.87 -1.73 13.30
N THR C 67 -6.86 -1.86 12.42
CA THR C 67 -8.20 -2.31 12.84
C THR C 67 -8.56 -3.66 12.20
N GLY C 68 -9.54 -4.34 12.77
CA GLY C 68 -10.01 -5.61 12.25
C GLY C 68 -11.51 -5.74 12.41
N ARG C 69 -12.10 -6.75 11.75
CA ARG C 69 -13.54 -6.98 11.87
C ARG C 69 -13.92 -8.42 11.51
N ARG C 70 -14.87 -8.99 12.25
CA ARG C 70 -15.37 -10.33 11.93
C ARG C 70 -16.27 -10.16 10.67
N ILE C 71 -16.28 -11.18 9.82
CA ILE C 71 -17.10 -11.17 8.63
C ILE C 71 -17.74 -12.54 8.41
N HIS C 72 -18.99 -12.54 7.97
CA HIS C 72 -19.69 -13.78 7.67
C HIS C 72 -19.28 -14.09 6.25
N SER C 73 -18.41 -15.07 6.05
CA SER C 73 -18.03 -15.46 4.70
C SER C 73 -18.44 -16.94 4.49
N TYR C 74 -17.95 -17.59 3.43
CA TYR C 74 -18.33 -18.97 3.14
C TYR C 74 -17.13 -19.79 2.71
N ARG C 75 -17.23 -21.14 2.85
CA ARG C 75 -16.18 -22.07 2.44
C ARG C 75 -15.95 -21.94 0.92
N GLY C 76 -14.69 -21.80 0.51
CA GLY C 76 -14.34 -21.69 -0.89
C GLY C 76 -14.32 -20.27 -1.45
N HIS C 77 -14.76 -19.29 -0.66
CA HIS C 77 -14.76 -17.90 -1.12
C HIS C 77 -13.36 -17.34 -1.22
N LEU C 78 -13.09 -16.65 -2.32
CA LEU C 78 -11.76 -16.17 -2.64
C LEU C 78 -11.63 -14.67 -2.47
N TRP C 79 -10.64 -14.24 -1.67
CA TRP C 79 -10.40 -12.83 -1.35
C TRP C 79 -8.97 -12.38 -1.63
N LEU C 80 -8.81 -11.10 -1.99
CA LEU C 80 -7.53 -10.42 -2.11
C LEU C 80 -7.63 -9.07 -1.42
N PHE C 81 -6.50 -8.46 -1.05
CA PHE C 81 -6.51 -7.24 -0.26
C PHE C 81 -5.69 -6.18 -0.91
N ARG C 82 -6.26 -4.99 -1.07
CA ARG C 82 -5.57 -3.91 -1.76
CA ARG C 82 -5.59 -3.89 -1.76
C ARG C 82 -5.54 -2.62 -0.95
N ASP C 83 -4.62 -1.68 -1.30
CA ASP C 83 -4.58 -0.37 -0.65
C ASP C 83 -5.81 0.34 -1.26
N ALA C 84 -6.77 0.76 -0.43
CA ALA C 84 -8.02 1.37 -0.89
C ALA C 84 -7.89 2.61 -1.77
N GLY C 85 -6.81 3.36 -1.60
CA GLY C 85 -6.62 4.58 -2.38
C GLY C 85 -5.76 4.45 -3.62
N THR C 86 -4.82 3.49 -3.66
CA THR C 86 -3.93 3.35 -4.82
C THR C 86 -3.96 2.00 -5.53
N HIS C 87 -4.63 1.01 -4.95
CA HIS C 87 -4.69 -0.36 -5.46
C HIS C 87 -3.37 -1.11 -5.40
N ASP C 88 -2.44 -0.68 -4.49
CA ASP C 88 -1.19 -1.42 -4.28
C ASP C 88 -1.58 -2.77 -3.67
N GLY C 89 -0.91 -3.81 -4.09
CA GLY C 89 -1.18 -5.15 -3.61
C GLY C 89 -0.72 -5.33 -2.18
N LEU C 90 -1.54 -6.01 -1.39
CA LEU C 90 -1.18 -6.34 -0.02
C LEU C 90 -1.13 -7.88 0.15
N LEU C 91 -0.59 -8.35 1.27
CA LEU C 91 -0.51 -9.78 1.52
C LEU C 91 -1.51 -10.18 2.61
N VAL C 92 -2.01 -11.39 2.52
CA VAL C 92 -2.88 -11.96 3.51
C VAL C 92 -2.29 -13.31 3.85
N ASN C 93 -1.92 -13.49 5.14
CA ASN C 93 -1.26 -14.70 5.63
C ASN C 93 -0.02 -15.03 4.81
N GLN C 94 0.76 -13.97 4.51
CA GLN C 94 2.02 -13.99 3.79
C GLN C 94 1.91 -14.45 2.33
N THR C 95 0.71 -14.39 1.75
CA THR C 95 0.47 -14.75 0.36
C THR C 95 -0.54 -13.73 -0.33
N GLU C 96 -0.92 -13.93 -1.59
CA GLU C 96 -1.76 -12.97 -2.30
C GLU C 96 -3.25 -13.22 -2.19
N LEU C 97 -3.64 -14.49 -2.08
CA LEU C 97 -5.04 -14.85 -2.02
C LEU C 97 -5.42 -15.47 -0.69
N PHE C 98 -6.70 -15.41 -0.34
CA PHE C 98 -7.20 -16.00 0.88
C PHE C 98 -8.50 -16.75 0.62
N VAL C 99 -8.53 -18.02 1.06
CA VAL C 99 -9.70 -18.88 0.93
C VAL C 99 -9.92 -19.52 2.30
N PRO C 100 -11.02 -19.20 2.99
CA PRO C 100 -11.24 -19.82 4.29
C PRO C 100 -11.80 -21.23 4.19
N SER C 101 -11.41 -22.04 5.17
CA SER C 101 -11.88 -23.40 5.31
CA SER C 101 -11.88 -23.40 5.31
C SER C 101 -13.11 -23.40 6.26
N LEU C 102 -13.73 -24.58 6.53
CA LEU C 102 -14.84 -24.64 7.47
C LEU C 102 -14.26 -24.45 8.88
N ASN C 103 -14.94 -23.66 9.71
CA ASN C 103 -14.53 -23.42 11.10
C ASN C 103 -14.51 -24.74 11.87
N VAL C 104 -13.34 -25.13 12.39
CA VAL C 104 -13.20 -26.32 13.21
C VAL C 104 -13.66 -25.96 14.61
N ASP C 105 -14.76 -26.53 15.12
CA ASP C 105 -15.28 -26.19 16.46
C ASP C 105 -15.64 -24.69 16.65
N GLY C 106 -16.32 -24.10 15.69
CA GLY C 106 -16.74 -22.70 15.78
C GLY C 106 -15.65 -21.63 15.75
N GLN C 107 -14.36 -22.03 15.86
CA GLN C 107 -13.22 -21.12 15.83
C GLN C 107 -13.20 -20.36 14.52
N PRO C 108 -13.04 -19.03 14.54
CA PRO C 108 -12.97 -18.28 13.28
C PRO C 108 -11.65 -18.50 12.51
N ILE C 109 -11.63 -18.19 11.20
CA ILE C 109 -10.43 -18.30 10.39
C ILE C 109 -9.81 -16.90 10.35
N PHE C 110 -8.50 -16.78 10.55
CA PHE C 110 -7.83 -15.49 10.58
C PHE C 110 -7.20 -15.08 9.24
N ALA C 111 -7.51 -13.85 8.81
CA ALA C 111 -6.95 -13.26 7.60
C ALA C 111 -6.10 -12.05 8.02
N ASN C 112 -4.79 -12.28 8.19
CA ASN C 112 -3.84 -11.26 8.59
C ASN C 112 -3.30 -10.52 7.39
N ILE C 113 -3.68 -9.25 7.25
CA ILE C 113 -3.27 -8.46 6.10
C ILE C 113 -2.05 -7.61 6.48
N THR C 114 -1.00 -7.67 5.66
CA THR C 114 0.26 -6.94 5.93
C THR C 114 0.81 -6.30 4.62
N LEU C 115 1.80 -5.40 4.76
CA LEU C 115 2.50 -4.85 3.62
C LEU C 115 3.45 -5.93 3.12
N PRO C 116 3.57 -6.08 1.81
CA PRO C 116 4.65 -6.92 1.29
C PRO C 116 5.97 -6.13 1.40
N VAL C 117 7.09 -6.83 1.17
CA VAL C 117 8.34 -6.15 1.08
C VAL C 117 8.38 -5.80 -0.39
N TYR C 118 7.90 -4.58 -0.71
CA TYR C 118 7.94 -4.13 -2.09
C TYR C 118 9.41 -4.00 -2.55
N THR C 119 9.65 -4.08 -3.87
CA THR C 119 10.98 -3.76 -4.38
C THR C 119 11.17 -2.22 -4.17
N LEU C 120 12.40 -1.74 -4.09
CA LEU C 120 12.68 -0.32 -3.96
C LEU C 120 12.09 0.47 -5.13
N LYS C 121 12.13 -0.10 -6.35
CA LYS C 121 11.58 0.58 -7.52
C LYS C 121 10.06 0.69 -7.45
N GLU C 122 9.38 -0.35 -6.91
CA GLU C 122 7.92 -0.26 -6.79
C GLU C 122 7.56 0.73 -5.66
N ARG C 123 8.36 0.77 -4.60
CA ARG C 123 8.15 1.70 -3.50
C ARG C 123 8.37 3.15 -3.96
N CYS C 124 9.35 3.37 -4.85
CA CYS C 124 9.62 4.69 -5.40
C CYS C 124 8.51 5.11 -6.33
N LEU C 125 7.99 4.19 -7.18
CA LEU C 125 6.86 4.49 -8.06
C LEU C 125 5.64 4.86 -7.24
N GLN C 126 5.42 4.16 -6.11
CA GLN C 126 4.28 4.45 -5.24
C GLN C 126 4.34 5.87 -4.71
N VAL C 127 5.53 6.28 -4.22
CA VAL C 127 5.74 7.60 -3.65
C VAL C 127 5.58 8.71 -4.71
N VAL C 128 6.18 8.55 -5.90
CA VAL C 128 6.03 9.55 -6.96
C VAL C 128 4.55 9.65 -7.37
N ARG C 129 3.86 8.51 -7.54
CA ARG C 129 2.43 8.53 -7.89
C ARG C 129 1.60 9.29 -6.84
N SER C 130 1.97 9.17 -5.56
CA SER C 130 1.23 9.86 -4.49
C SER C 130 1.47 11.38 -4.47
N LEU C 131 2.51 11.86 -5.14
CA LEU C 131 2.85 13.29 -5.13
C LEU C 131 2.55 14.00 -6.44
N VAL C 132 2.53 13.25 -7.56
CA VAL C 132 2.36 13.76 -8.92
C VAL C 132 1.05 13.32 -9.55
N LYS C 133 0.26 14.28 -10.09
CA LYS C 133 -0.98 13.94 -10.79
C LYS C 133 -0.61 13.18 -12.07
N PRO C 134 -1.40 12.16 -12.50
CA PRO C 134 -1.02 11.39 -13.69
C PRO C 134 -0.75 12.22 -14.97
N GLU C 135 -1.37 13.41 -15.11
CA GLU C 135 -1.10 14.25 -16.27
C GLU C 135 0.26 14.94 -16.22
N ASN C 136 0.91 14.99 -15.05
CA ASN C 136 2.21 15.62 -14.91
C ASN C 136 3.37 14.62 -14.86
N TYR C 137 3.14 13.30 -15.05
CA TYR C 137 4.23 12.31 -15.02
C TYR C 137 5.31 12.64 -16.06
N ARG C 138 4.89 13.02 -17.28
CA ARG C 138 5.82 13.34 -18.37
C ARG C 138 6.53 14.69 -18.21
N ARG C 139 6.29 15.40 -17.10
CA ARG C 139 6.98 16.65 -16.79
C ARG C 139 8.13 16.42 -15.76
N LEU C 140 8.40 15.15 -15.39
CA LEU C 140 9.42 14.76 -14.43
C LEU C 140 10.74 14.54 -15.13
N ASP C 141 11.84 15.01 -14.51
CA ASP C 141 13.15 14.83 -15.08
C ASP C 141 13.71 13.45 -14.79
N ILE C 142 13.07 12.42 -15.36
CA ILE C 142 13.44 11.00 -15.28
C ILE C 142 13.50 10.40 -16.70
N VAL C 143 14.09 9.20 -16.86
CA VAL C 143 14.20 8.55 -18.17
C VAL C 143 12.83 8.19 -18.74
N ARG C 144 12.73 8.08 -20.09
CA ARG C 144 11.48 7.76 -20.79
C ARG C 144 10.78 6.50 -20.26
N SER C 145 11.54 5.42 -20.03
CA SER C 145 10.96 4.17 -19.54
C SER C 145 10.35 4.28 -18.15
N LEU C 146 10.77 5.29 -17.35
CA LEU C 146 10.16 5.50 -16.04
C LEU C 146 8.76 6.15 -16.15
N TYR C 147 8.46 6.81 -17.30
CA TYR C 147 7.13 7.38 -17.53
C TYR C 147 6.15 6.22 -17.68
N GLU C 148 6.47 5.23 -18.55
CA GLU C 148 5.61 4.08 -18.78
C GLU C 148 5.36 3.29 -17.50
N ASP C 149 6.35 3.26 -16.58
CA ASP C 149 6.24 2.54 -15.32
C ASP C 149 5.34 3.25 -14.35
N LEU C 150 5.40 4.59 -14.31
CA LEU C 150 4.53 5.38 -13.45
C LEU C 150 3.07 5.22 -13.90
N GLU C 151 2.83 5.30 -15.21
CA GLU C 151 1.50 5.18 -15.81
C GLU C 151 0.91 3.78 -15.73
N ASP C 152 1.71 2.77 -15.40
CA ASP C 152 1.25 1.41 -15.30
C ASP C 152 0.84 1.19 -13.85
N HIS C 153 -0.30 1.75 -13.47
CA HIS C 153 -0.80 1.66 -12.12
C HIS C 153 -1.17 0.25 -11.72
N PRO C 154 -0.91 -0.14 -10.46
CA PRO C 154 -1.32 -1.48 -10.02
C PRO C 154 -2.84 -1.63 -10.05
N ASN C 155 -3.32 -2.82 -10.43
CA ASN C 155 -4.77 -3.05 -10.46
C ASN C 155 -5.11 -4.55 -10.39
N VAL C 156 -6.26 -4.86 -9.77
CA VAL C 156 -6.77 -6.22 -9.55
C VAL C 156 -6.79 -7.07 -10.83
N GLN C 157 -7.34 -6.53 -11.93
CA GLN C 157 -7.41 -7.29 -13.19
C GLN C 157 -6.04 -7.73 -13.71
N LYS C 158 -5.03 -6.84 -13.64
CA LYS C 158 -3.66 -7.14 -14.04
C LYS C 158 -3.11 -8.29 -13.18
N ASP C 159 -3.36 -8.23 -11.87
CA ASP C 159 -2.85 -9.22 -10.95
C ASP C 159 -3.55 -10.57 -11.04
N LEU C 160 -4.83 -10.56 -11.40
CA LEU C 160 -5.59 -11.79 -11.51
C LEU C 160 -5.13 -12.65 -12.66
N GLU C 161 -4.71 -12.02 -13.77
CA GLU C 161 -4.21 -12.74 -14.93
C GLU C 161 -2.90 -13.43 -14.59
N ARG C 162 -2.03 -12.76 -13.83
CA ARG C 162 -0.75 -13.32 -13.43
C ARG C 162 -0.95 -14.47 -12.45
N LEU C 163 -1.80 -14.30 -11.43
CA LEU C 163 -2.07 -15.37 -10.47
C LEU C 163 -2.71 -16.61 -11.14
N THR C 164 -3.49 -16.38 -12.22
CA THR C 164 -4.13 -17.45 -12.99
C THR C 164 -3.06 -18.20 -13.79
N GLN C 165 -2.12 -17.45 -14.40
CA GLN C 165 -1.03 -18.05 -15.18
C GLN C 165 0.00 -18.79 -14.32
N GLU C 166 0.07 -18.47 -13.02
CA GLU C 166 0.94 -19.18 -12.08
C GLU C 166 0.26 -20.49 -11.66
N ARG C 167 -1.08 -20.45 -11.45
CA ARG C 167 -1.89 -21.60 -11.05
C ARG C 167 -1.89 -22.68 -12.14
N ILE C 168 -1.87 -22.27 -13.41
CA ILE C 168 -1.83 -23.17 -14.56
C ILE C 168 -0.50 -23.93 -14.55
N ALA C 169 0.60 -23.23 -14.26
CA ALA C 169 1.93 -23.83 -14.19
C ALA C 169 2.09 -24.76 -12.97
N HIS C 170 1.60 -24.31 -11.80
CA HIS C 170 1.69 -25.06 -10.55
C HIS C 170 0.47 -25.96 -10.35
N SER D 22 -44.82 -15.77 -1.21
CA SER D 22 -44.62 -14.47 -1.87
C SER D 22 -43.18 -14.22 -2.30
N ASN D 23 -42.40 -15.29 -2.50
CA ASN D 23 -41.00 -15.15 -2.85
C ASN D 23 -40.70 -14.47 -4.19
N ALA D 24 -41.25 -14.94 -5.33
CA ALA D 24 -40.85 -14.39 -6.67
C ALA D 24 -40.69 -12.88 -6.72
N ASN D 25 -39.59 -12.42 -7.32
CA ASN D 25 -39.35 -10.98 -7.48
C ASN D 25 -40.44 -10.38 -8.35
N PRO D 26 -40.93 -9.19 -8.01
CA PRO D 26 -41.94 -8.54 -8.86
C PRO D 26 -41.30 -7.96 -10.13
N PRO D 27 -42.12 -7.53 -11.12
CA PRO D 27 -41.55 -6.83 -12.27
C PRO D 27 -40.77 -5.60 -11.80
N PRO D 28 -39.63 -5.32 -12.42
CA PRO D 28 -38.81 -4.17 -11.98
C PRO D 28 -39.53 -2.83 -12.16
N PRO D 29 -39.03 -1.72 -11.57
CA PRO D 29 -39.73 -0.43 -11.76
C PRO D 29 -39.78 -0.04 -13.26
N GLU D 30 -40.83 0.69 -13.66
CA GLU D 30 -40.93 1.14 -15.04
C GLU D 30 -39.79 2.12 -15.37
N THR D 31 -39.29 2.07 -16.61
CA THR D 31 -38.24 3.01 -17.02
C THR D 31 -38.68 3.90 -18.22
N SER D 32 -39.90 3.65 -18.77
CA SER D 32 -40.48 4.39 -19.88
C SER D 32 -42.03 4.27 -19.85
N ASN D 33 -42.74 5.39 -20.02
CA ASN D 33 -44.19 5.40 -20.01
C ASN D 33 -44.69 6.41 -21.04
N PRO D 34 -45.47 5.98 -22.04
CA PRO D 34 -45.98 6.94 -23.05
C PRO D 34 -46.88 8.01 -22.46
N ASN D 35 -47.58 7.69 -21.35
CA ASN D 35 -48.52 8.57 -20.65
C ASN D 35 -47.89 9.47 -19.58
N LYS D 36 -46.59 9.36 -19.36
CA LYS D 36 -45.87 10.18 -18.41
C LYS D 36 -44.98 11.10 -19.22
N PRO D 37 -45.06 12.42 -18.99
CA PRO D 37 -44.27 13.35 -19.81
C PRO D 37 -42.74 13.16 -19.75
N LYS D 38 -42.11 13.00 -20.93
CA LYS D 38 -40.66 12.91 -21.01
C LYS D 38 -40.03 14.32 -20.97
N ARG D 39 -38.78 14.46 -20.47
CA ARG D 39 -38.12 15.76 -20.40
C ARG D 39 -36.60 15.67 -20.24
N GLN D 40 -35.88 16.67 -20.81
CA GLN D 40 -34.42 16.80 -20.80
C GLN D 40 -34.04 18.18 -20.27
N THR D 41 -33.19 18.26 -19.26
CA THR D 41 -32.66 19.53 -18.75
C THR D 41 -31.12 19.39 -18.60
N ASN D 42 -30.40 20.51 -18.38
CA ASN D 42 -28.95 20.42 -18.17
C ASN D 42 -28.61 19.78 -16.77
N GLN D 43 -29.59 19.77 -15.85
CA GLN D 43 -29.42 19.15 -14.54
C GLN D 43 -29.59 17.65 -14.67
N LEU D 44 -30.56 17.20 -15.48
CA LEU D 44 -30.80 15.79 -15.74
C LEU D 44 -29.63 15.20 -16.57
N GLN D 45 -28.98 16.01 -17.44
CA GLN D 45 -27.82 15.52 -18.18
C GLN D 45 -26.62 15.37 -17.23
N TYR D 46 -26.48 16.29 -16.26
CA TYR D 46 -25.41 16.25 -15.26
C TYR D 46 -25.59 15.07 -14.35
N LEU D 47 -26.84 14.77 -13.97
CA LEU D 47 -27.16 13.63 -13.12
C LEU D 47 -26.79 12.34 -13.81
N LEU D 48 -26.87 12.26 -15.14
CA LEU D 48 -26.51 11.05 -15.84
C LEU D 48 -24.98 10.98 -16.13
N ARG D 49 -24.44 12.01 -16.79
CA ARG D 49 -23.04 12.03 -17.21
C ARG D 49 -22.05 12.21 -16.09
N VAL D 50 -22.46 12.84 -14.98
CA VAL D 50 -21.52 13.08 -13.89
C VAL D 50 -21.87 12.29 -12.63
N VAL D 51 -23.07 12.46 -12.09
CA VAL D 51 -23.45 11.78 -10.85
C VAL D 51 -23.56 10.26 -11.03
N LEU D 52 -24.46 9.79 -11.90
CA LEU D 52 -24.68 8.36 -12.12
C LEU D 52 -23.39 7.69 -12.61
N LYS D 53 -22.68 8.31 -13.56
CA LYS D 53 -21.45 7.75 -14.09
C LYS D 53 -20.38 7.55 -12.99
N THR D 54 -20.27 8.48 -12.03
CA THR D 54 -19.29 8.40 -10.95
C THR D 54 -19.66 7.28 -9.99
N LEU D 55 -20.95 7.20 -9.63
CA LEU D 55 -21.49 6.19 -8.71
C LEU D 55 -21.51 4.82 -9.32
N TRP D 56 -21.77 4.72 -10.62
CA TRP D 56 -21.79 3.46 -11.33
C TRP D 56 -20.40 2.82 -11.33
N LYS D 57 -19.33 3.65 -11.47
CA LYS D 57 -17.97 3.11 -11.49
C LYS D 57 -17.37 2.95 -10.07
N HIS D 58 -18.12 3.28 -9.02
CA HIS D 58 -17.63 3.19 -7.67
C HIS D 58 -17.38 1.75 -7.27
N GLN D 59 -16.38 1.51 -6.41
CA GLN D 59 -16.00 0.17 -5.93
C GLN D 59 -17.16 -0.52 -5.18
N PHE D 60 -18.11 0.26 -4.62
CA PHE D 60 -19.24 -0.26 -3.86
C PHE D 60 -20.57 -0.23 -4.66
N ALA D 61 -20.48 -0.03 -5.98
CA ALA D 61 -21.67 0.05 -6.82
C ALA D 61 -22.33 -1.29 -7.08
N TRP D 62 -21.57 -2.38 -7.06
CA TRP D 62 -22.00 -3.70 -7.47
C TRP D 62 -23.30 -4.25 -6.80
N PRO D 63 -23.64 -4.04 -5.50
CA PRO D 63 -24.94 -4.56 -5.01
C PRO D 63 -26.14 -3.67 -5.40
N PHE D 64 -25.89 -2.49 -6.01
CA PHE D 64 -26.93 -1.55 -6.33
C PHE D 64 -27.15 -1.29 -7.82
N GLN D 65 -26.48 -2.02 -8.72
CA GLN D 65 -26.64 -1.77 -10.16
C GLN D 65 -27.89 -2.43 -10.80
N GLN D 66 -28.60 -3.27 -10.05
CA GLN D 66 -29.76 -3.99 -10.56
C GLN D 66 -30.75 -4.18 -9.43
N PRO D 67 -32.03 -4.48 -9.75
CA PRO D 67 -33.01 -4.75 -8.69
C PRO D 67 -32.57 -5.91 -7.81
N VAL D 68 -32.79 -5.78 -6.48
CA VAL D 68 -32.45 -6.80 -5.50
C VAL D 68 -33.13 -8.13 -5.87
N ASP D 69 -32.32 -9.17 -6.12
CA ASP D 69 -32.87 -10.48 -6.46
C ASP D 69 -33.10 -11.20 -5.15
N ALA D 70 -34.20 -10.84 -4.46
CA ALA D 70 -34.58 -11.37 -3.16
C ALA D 70 -34.72 -12.91 -3.14
N VAL D 71 -35.06 -13.50 -4.30
CA VAL D 71 -35.17 -14.95 -4.40
C VAL D 71 -33.78 -15.61 -4.34
N LYS D 72 -32.87 -15.21 -5.24
CA LYS D 72 -31.54 -15.77 -5.30
C LYS D 72 -30.73 -15.45 -4.03
N LEU D 73 -30.91 -14.26 -3.50
CA LEU D 73 -30.22 -13.83 -2.30
C LEU D 73 -30.82 -14.32 -0.99
N ASN D 74 -32.01 -14.97 -1.05
CA ASN D 74 -32.74 -15.51 0.10
C ASN D 74 -33.06 -14.40 1.12
N LEU D 75 -33.59 -13.28 0.63
CA LEU D 75 -33.93 -12.15 1.49
C LEU D 75 -35.40 -12.20 1.88
N PRO D 76 -35.68 -12.62 3.15
CA PRO D 76 -37.07 -12.72 3.60
C PRO D 76 -37.78 -11.38 3.69
N ASP D 77 -39.06 -11.38 3.33
CA ASP D 77 -39.91 -10.21 3.36
C ASP D 77 -39.32 -8.99 2.66
N TYR D 78 -38.31 -9.13 1.74
CA TYR D 78 -37.72 -7.96 1.10
C TYR D 78 -38.75 -7.09 0.41
N TYR D 79 -39.52 -7.67 -0.53
CA TYR D 79 -40.53 -6.91 -1.25
C TYR D 79 -41.82 -6.69 -0.45
N LYS D 80 -41.92 -7.28 0.75
CA LYS D 80 -43.02 -7.06 1.67
C LYS D 80 -42.70 -5.75 2.45
N ILE D 81 -41.46 -5.59 2.93
CA ILE D 81 -40.95 -4.44 3.67
C ILE D 81 -40.64 -3.25 2.72
N ILE D 82 -39.96 -3.54 1.62
CA ILE D 82 -39.59 -2.52 0.62
C ILE D 82 -40.67 -2.37 -0.44
N LYS D 83 -41.53 -1.36 -0.26
CA LYS D 83 -42.68 -1.12 -1.13
C LYS D 83 -42.34 -0.36 -2.40
N THR D 84 -41.28 0.46 -2.38
CA THR D 84 -40.82 1.19 -3.56
C THR D 84 -39.37 0.78 -3.85
N PRO D 85 -39.16 -0.40 -4.45
CA PRO D 85 -37.79 -0.82 -4.75
C PRO D 85 -37.11 0.13 -5.73
N MET D 86 -35.81 0.30 -5.58
CA MET D 86 -35.06 1.19 -6.46
C MET D 86 -33.62 0.74 -6.54
N ASP D 87 -33.03 0.87 -7.72
CA ASP D 87 -31.65 0.50 -7.98
C ASP D 87 -31.06 1.48 -8.99
N MET D 88 -29.72 1.49 -9.12
CA MET D 88 -29.03 2.36 -10.07
C MET D 88 -29.27 2.01 -11.55
N GLY D 89 -29.62 0.76 -11.85
CA GLY D 89 -29.92 0.38 -13.23
C GLY D 89 -31.20 1.06 -13.68
N THR D 90 -32.21 1.07 -12.80
CA THR D 90 -33.50 1.70 -13.07
C THR D 90 -33.32 3.19 -13.22
N ILE D 91 -32.54 3.84 -12.33
CA ILE D 91 -32.28 5.26 -12.41
C ILE D 91 -31.55 5.62 -13.71
N LYS D 92 -30.58 4.81 -14.08
CA LYS D 92 -29.77 5.02 -15.29
C LYS D 92 -30.66 4.92 -16.51
N LYS D 93 -31.49 3.86 -16.57
CA LYS D 93 -32.38 3.66 -17.70
C LYS D 93 -33.40 4.78 -17.78
N ARG D 94 -33.92 5.24 -16.64
CA ARG D 94 -34.85 6.37 -16.54
C ARG D 94 -34.23 7.66 -17.07
N LEU D 95 -33.01 8.02 -16.61
CA LEU D 95 -32.25 9.18 -17.04
C LEU D 95 -32.06 9.14 -18.55
N GLU D 96 -31.66 7.95 -19.06
CA GLU D 96 -31.41 7.70 -20.47
C GLU D 96 -32.66 7.79 -21.32
N ASN D 97 -33.82 7.41 -20.75
CA ASN D 97 -35.09 7.48 -21.48
C ASN D 97 -35.81 8.80 -21.36
N ASN D 98 -35.25 9.76 -20.61
CA ASN D 98 -35.84 11.07 -20.38
C ASN D 98 -37.14 10.89 -19.58
N TYR D 99 -37.15 9.97 -18.60
CA TYR D 99 -38.32 9.60 -17.81
C TYR D 99 -38.72 10.68 -16.82
N TYR D 100 -37.73 11.29 -16.20
CA TYR D 100 -37.92 12.30 -15.17
C TYR D 100 -38.35 13.61 -15.72
N TRP D 101 -39.14 14.35 -14.96
CA TRP D 101 -39.54 15.69 -15.35
C TRP D 101 -38.43 16.68 -14.98
N ASN D 102 -37.79 16.47 -13.82
CA ASN D 102 -36.73 17.34 -13.35
C ASN D 102 -35.73 16.58 -12.47
N ALA D 103 -34.63 17.27 -12.06
CA ALA D 103 -33.57 16.70 -11.24
C ALA D 103 -34.08 16.16 -9.92
N GLN D 104 -34.97 16.89 -9.24
CA GLN D 104 -35.50 16.43 -7.96
CA GLN D 104 -35.51 16.43 -7.97
C GLN D 104 -36.19 15.06 -8.07
N GLU D 105 -36.91 14.79 -9.17
CA GLU D 105 -37.55 13.49 -9.35
C GLU D 105 -36.48 12.37 -9.38
N CYS D 106 -35.34 12.64 -10.02
CA CYS D 106 -34.22 11.72 -10.10
C CYS D 106 -33.52 11.54 -8.74
N ILE D 107 -33.25 12.64 -8.03
CA ILE D 107 -32.62 12.68 -6.70
C ILE D 107 -33.47 11.89 -5.69
N GLN D 108 -34.80 11.97 -5.82
CA GLN D 108 -35.72 11.23 -4.95
C GLN D 108 -35.51 9.73 -5.12
N ASP D 109 -35.23 9.28 -6.37
CA ASP D 109 -34.98 7.87 -6.66
C ASP D 109 -33.70 7.37 -6.05
N PHE D 110 -32.64 8.19 -6.07
CA PHE D 110 -31.38 7.80 -5.41
C PHE D 110 -31.62 7.70 -3.91
N ASN D 111 -32.33 8.67 -3.31
CA ASN D 111 -32.62 8.66 -1.88
C ASN D 111 -33.38 7.43 -1.46
N THR D 112 -34.40 7.02 -2.26
CA THR D 112 -35.22 5.84 -2.03
C THR D 112 -34.36 4.62 -2.08
N MET D 113 -33.42 4.52 -3.04
CA MET D 113 -32.50 3.38 -3.12
C MET D 113 -31.71 3.24 -1.82
N PHE D 114 -31.12 4.35 -1.33
CA PHE D 114 -30.38 4.35 -0.07
C PHE D 114 -31.28 4.04 1.12
N THR D 115 -32.40 4.75 1.27
CA THR D 115 -33.34 4.59 2.38
C THR D 115 -33.85 3.15 2.47
N ASN D 116 -34.06 2.50 1.32
CA ASN D 116 -34.50 1.10 1.25
C ASN D 116 -33.48 0.20 1.94
N CYS D 117 -32.21 0.45 1.64
CA CYS D 117 -31.09 -0.27 2.22
C CYS D 117 -31.04 -0.07 3.75
N TYR D 118 -31.20 1.17 4.22
CA TYR D 118 -31.13 1.43 5.65
C TYR D 118 -32.31 0.82 6.42
N ILE D 119 -33.49 0.72 5.74
CA ILE D 119 -34.71 0.15 6.32
C ILE D 119 -34.60 -1.36 6.43
N TYR D 120 -34.29 -2.03 5.31
CA TYR D 120 -34.25 -3.48 5.28
C TYR D 120 -33.14 -4.12 6.11
N ASN D 121 -31.94 -3.59 5.98
CA ASN D 121 -30.76 -4.18 6.62
C ASN D 121 -30.45 -3.58 7.98
N LYS D 122 -29.87 -4.37 8.88
CA LYS D 122 -29.54 -3.91 10.23
C LYS D 122 -28.42 -2.86 10.26
N PRO D 123 -28.59 -1.79 11.06
CA PRO D 123 -27.54 -0.76 11.12
C PRO D 123 -26.18 -1.34 11.51
N GLY D 124 -25.20 -1.19 10.63
CA GLY D 124 -23.86 -1.73 10.88
C GLY D 124 -23.43 -2.84 9.95
N ASP D 125 -24.38 -3.41 9.17
CA ASP D 125 -24.09 -4.47 8.20
C ASP D 125 -23.15 -3.97 7.09
N ASP D 126 -22.47 -4.89 6.37
CA ASP D 126 -21.52 -4.46 5.32
C ASP D 126 -22.22 -3.78 4.15
N ILE D 127 -23.45 -4.20 3.84
CA ILE D 127 -24.24 -3.58 2.79
C ILE D 127 -24.60 -2.14 3.16
N VAL D 128 -24.87 -1.88 4.44
CA VAL D 128 -25.26 -0.55 4.93
C VAL D 128 -24.05 0.42 4.87
N LEU D 129 -22.82 -0.09 5.11
CA LEU D 129 -21.62 0.71 5.01
C LEU D 129 -21.38 1.11 3.55
N MET D 130 -21.63 0.20 2.60
CA MET D 130 -21.44 0.48 1.17
C MET D 130 -22.44 1.53 0.69
N ALA D 131 -23.69 1.42 1.15
CA ALA D 131 -24.71 2.40 0.82
C ALA D 131 -24.34 3.78 1.39
N GLU D 132 -23.77 3.81 2.61
CA GLU D 132 -23.36 5.06 3.25
C GLU D 132 -22.22 5.74 2.51
N ALA D 133 -21.34 4.96 1.87
CA ALA D 133 -20.22 5.51 1.10
C ALA D 133 -20.72 6.07 -0.24
N LEU D 134 -21.64 5.33 -0.88
CA LEU D 134 -22.24 5.79 -2.12
C LEU D 134 -23.05 7.05 -1.89
N GLU D 135 -23.82 7.10 -0.79
CA GLU D 135 -24.65 8.25 -0.46
C GLU D 135 -23.82 9.48 -0.17
N LYS D 136 -22.72 9.31 0.60
CA LYS D 136 -21.82 10.42 0.89
C LYS D 136 -21.27 11.01 -0.42
N LEU D 137 -20.87 10.13 -1.37
CA LEU D 137 -20.37 10.56 -2.66
C LEU D 137 -21.46 11.22 -3.47
N PHE D 138 -22.66 10.64 -3.47
CA PHE D 138 -23.83 11.14 -4.18
C PHE D 138 -24.13 12.58 -3.75
N LEU D 139 -24.24 12.84 -2.45
CA LEU D 139 -24.49 14.18 -1.93
C LEU D 139 -23.42 15.18 -2.37
N GLN D 140 -22.13 14.79 -2.33
CA GLN D 140 -21.06 15.68 -2.79
C GLN D 140 -21.25 16.09 -4.26
N LYS D 141 -21.54 15.13 -5.13
CA LYS D 141 -21.74 15.38 -6.55
C LYS D 141 -22.95 16.26 -6.83
N ILE D 142 -24.02 15.97 -6.12
CA ILE D 142 -25.29 16.67 -6.18
C ILE D 142 -25.18 18.10 -5.63
N ASN D 143 -24.21 18.35 -4.74
CA ASN D 143 -23.90 19.67 -4.23
C ASN D 143 -23.35 20.61 -5.31
N GLU D 144 -22.91 20.07 -6.45
CA GLU D 144 -22.41 20.85 -7.55
C GLU D 144 -23.31 20.77 -8.79
N LEU D 145 -24.62 20.53 -8.58
CA LEU D 145 -25.61 20.44 -9.65
C LEU D 145 -25.73 21.83 -10.24
N PRO D 146 -25.54 21.95 -11.56
CA PRO D 146 -25.62 23.29 -12.19
C PRO D 146 -27.00 23.89 -12.03
N THR D 147 -27.10 25.22 -12.05
CA THR D 147 -28.40 25.90 -11.99
C THR D 147 -29.08 25.62 -13.35
N GLU D 148 -30.36 25.24 -13.35
CA GLU D 148 -31.03 24.91 -14.62
C GLU D 148 -31.01 26.06 -15.61
N GLU D 149 -30.45 25.79 -16.80
CA GLU D 149 -30.31 26.76 -17.88
C GLU D 149 -30.76 26.16 -19.23
C5 WEP E . -27.23 -14.38 9.77
C11 WEP E . -23.75 -11.97 5.10
C7 WEP E . -24.95 -12.49 7.14
C8 WEP E . -24.24 -11.45 7.79
C9 WEP E . -23.31 -10.69 7.10
C10 WEP E . -23.06 -10.92 5.75
C12 WEP E . -24.68 -12.75 5.79
C13 WEP E . -22.01 -10.11 5.00
C3 WEP E . -25.93 -13.28 7.95
C1 WEP E . -27.52 -14.19 6.16
C15 WEP E . -21.02 -11.21 3.00
C17 WEP E . -20.28 -12.40 2.44
C19 WEP E . -18.78 -12.14 2.18
C2 WEP E . -27.02 -14.00 7.57
C20 WEP E . -18.48 -12.98 0.91
C22 WEP E . -19.81 -12.81 0.13
C24 WEP E . -22.12 -13.35 1.01
C26 WEP E . -22.66 -13.86 -0.32
C28 WEP E . -23.46 -12.77 -1.12
C29 WEP E . -23.98 -13.39 -2.42
C30 WEP E . -24.66 -12.26 -0.32
C31 WEP E . -22.60 -11.56 -1.51
C33 WEP E . -23.33 -16.29 -0.41
C35 WEP E . -24.32 -17.36 -0.01
C36 WEP E . -25.59 -17.26 -0.84
C37 WEP E . -25.26 -17.50 -2.32
C38 WEP E . -26.34 -16.83 -3.13
C39 WEP E . -26.21 -17.25 -4.59
C40 WEP E . -26.76 -16.17 -5.51
C41 WEP E . -26.02 -14.85 -5.31
C42 WEP E . -25.96 -14.05 -6.60
C43 WEP E . -24.65 -13.27 -6.52
C44 WEP E . -24.76 -11.92 -7.23
C46 WEP E . -24.79 -10.23 -5.38
C48 WEP E . -25.55 -9.25 -4.55
C49 WEP E . -25.41 -9.42 -3.16
C50 WEP E . -26.11 -8.57 -2.29
C51 WEP E . -26.99 -7.62 -2.80
C52 WEP E . -27.13 -7.46 -4.18
C53 WEP E . -26.47 -8.29 -5.06
C54 WEP E . -26.78 -8.09 -6.54
C58 WEP E . -28.33 -10.53 -7.38
C59 WEP E . -27.78 -6.74 -1.92
C60 WEP E . -28.17 -5.49 -2.32
C62 WEP E . -29.36 -5.01 -0.27
C64 WEP E . -28.96 -6.27 0.25
C65 WEP E . -28.18 -7.13 -0.55
C66 WEP E . -27.93 -8.28 0.19
C67 WEP E . -28.52 -8.09 1.40
C70 WEP E . -27.07 -9.46 -0.23
C72 WEP E . -24.84 -8.29 -0.22
C73 WEP E . -23.86 -7.49 -0.85
C74 WEP E . -22.77 -7.00 -0.11
C75 WEP E . -22.77 -7.21 1.25
C76 WEP E . -23.80 -7.93 1.85
C80 WEP E . -29.27 -3.34 -2.03
F78 WEP E . -21.77 -6.68 2.00
F79 WEP E . -23.78 -7.30 -2.18
N14 WEP E . -21.22 -11.14 4.33
N23 WEP E . -20.86 -12.89 1.17
N32 WEP E . -23.54 -15.00 0.00
N45 WEP E . -25.38 -10.93 -6.36
N6 WEP E . -27.68 -14.56 8.57
N61 WEP E . -28.91 -4.67 -1.52
N68 WEP E . -29.17 -6.89 1.45
N71 WEP E . -25.95 -8.83 -0.93
N77 WEP E . -24.75 -8.48 1.11
O16 WEP E . -21.47 -10.34 2.30
O25 WEP E . -22.83 -13.36 2.00
O34 WEP E . -22.37 -16.57 -1.09
O47 WEP E . -23.64 -10.45 -5.13
O56 WEP E . -29.41 -8.53 -6.04
O57 WEP E . -28.75 -8.16 -8.31
O63 WEP E . -30.01 -4.24 0.42
O81 WEP E . -18.25 -14.37 1.17
S4 WEP E . -25.83 -13.40 9.72
S55 WEP E . -28.43 -8.74 -7.05
H18 WEP E . -20.34 -13.21 3.17
H21 WEP E . -17.65 -12.55 0.34
H27 WEP E . -21.85 -14.21 -0.95
H69 WEP E . -29.67 -6.55 2.20
#